data_9HHQ
#
_entry.id   9HHQ
#
_cell.length_a   1.00
_cell.length_b   1.00
_cell.length_c   1.00
_cell.angle_alpha   90.00
_cell.angle_beta   90.00
_cell.angle_gamma   90.00
#
_symmetry.space_group_name_H-M   'P 1'
#
_entity_poly.entity_id   1
_entity_poly.type   'polypeptide(L)'
_entity_poly.pdbx_seq_one_letter_code
;MVLSQEEPDSARGTSEAQPLGPAPTGAAPPPGPGPSDSPEAAVEKVEVELAGPATAEPHEPPEPPEGGWGWLVMLAAMWC
NGSVFGIQNACGVLFVSMLETFGSKDDDKMVFKTAWVGSLSMGMIFFCCPIVSVFTDLFGCRKTAVVGAAVGFVGLMSSS
FVSSIEPLYLTYGIIFACGCSFAYQPSLVILGHYFKKRLGLVNGIVTAGSSVFTILLPLLLRVLIDSVGLFYTLRVLCIF
MFVLFLAGFTYRPLATSTKDKESGGSGSSLFSRKKFSPPKKIFNFAIFKVTAYAVWAVGIPLALFGYFVPYVHLMKHVNE
RFQDEKNKEVVLMCIGVTSGVGRLLFGRIADYVPGVKKVYLQVLSFFFIGLMSMMIPLCSIFGALIAVCLIMGLFDGCFI
SIMAPIAFELVGAQDVSQAIGFLLGFMSIPMTVGPPIAGLLRDKLGSYDVAFYLAGVPPLIGGAVLCFIPWIHSKKQREI
SKTTGKEKMEKMLENQNSLLSSSSGMFKKESDSII
;
_entity_poly.pdbx_strand_id   A
#
# COMPACT_ATOMS: atom_id res chain seq x y z
N TRP A 71 4.77 6.38 -27.63
CA TRP A 71 3.57 7.21 -27.55
C TRP A 71 2.45 6.49 -26.80
N LEU A 72 2.67 5.22 -26.47
CA LEU A 72 1.72 4.43 -25.70
C LEU A 72 2.30 4.25 -24.30
N VAL A 73 1.70 4.94 -23.32
CA VAL A 73 2.19 4.92 -21.96
C VAL A 73 1.51 3.83 -21.12
N MET A 74 0.81 2.90 -21.77
CA MET A 74 0.15 1.82 -21.05
C MET A 74 1.16 0.95 -20.32
N LEU A 75 2.25 0.58 -21.00
CA LEU A 75 3.27 -0.25 -20.37
C LEU A 75 4.00 0.51 -19.27
N ALA A 76 4.26 1.81 -19.49
CA ALA A 76 4.92 2.61 -18.47
C ALA A 76 4.04 2.79 -17.25
N ALA A 77 2.75 3.10 -17.46
CA ALA A 77 1.84 3.25 -16.33
C ALA A 77 1.64 1.94 -15.59
N MET A 78 1.57 0.82 -16.31
CA MET A 78 1.51 -0.48 -15.68
C MET A 78 2.76 -0.77 -14.86
N TRP A 79 3.93 -0.44 -15.43
CA TRP A 79 5.17 -0.65 -14.70
C TRP A 79 5.31 0.32 -13.53
N CYS A 80 4.84 1.55 -13.70
CA CYS A 80 4.98 2.55 -12.65
C CYS A 80 4.15 2.19 -11.43
N ASN A 81 2.87 1.88 -11.64
CA ASN A 81 2.00 1.52 -10.52
C ASN A 81 2.39 0.17 -9.92
N GLY A 82 2.84 -0.77 -10.77
CA GLY A 82 3.25 -2.06 -10.26
C GLY A 82 4.49 -1.99 -9.39
N SER A 83 5.46 -1.18 -9.80
CA SER A 83 6.71 -1.10 -9.04
C SER A 83 6.53 -0.32 -7.75
N VAL A 84 5.77 0.78 -7.80
CA VAL A 84 5.64 1.64 -6.62
C VAL A 84 4.83 0.96 -5.52
N PHE A 85 3.91 0.07 -5.90
CA PHE A 85 3.01 -0.55 -4.93
C PHE A 85 3.27 -2.03 -4.72
N GLY A 86 3.70 -2.75 -5.77
CA GLY A 86 4.00 -4.16 -5.61
C GLY A 86 5.14 -4.41 -4.64
N ILE A 87 6.18 -3.58 -4.70
CA ILE A 87 7.28 -3.71 -3.76
C ILE A 87 6.81 -3.41 -2.34
N GLN A 88 6.00 -2.36 -2.17
CA GLN A 88 5.52 -2.01 -0.84
C GLN A 88 4.54 -3.04 -0.30
N ASN A 89 3.63 -3.54 -1.15
CA ASN A 89 2.69 -4.56 -0.73
C ASN A 89 3.35 -5.90 -0.46
N ALA A 90 4.59 -6.10 -0.93
CA ALA A 90 5.34 -7.32 -0.67
C ALA A 90 6.49 -7.07 0.29
N CYS A 91 6.33 -6.12 1.22
CA CYS A 91 7.35 -5.83 2.21
C CYS A 91 7.44 -6.89 3.29
N GLY A 92 6.48 -7.82 3.36
CA GLY A 92 6.52 -8.84 4.39
C GLY A 92 7.72 -9.76 4.28
N VAL A 93 8.02 -10.20 3.05
CA VAL A 93 9.19 -11.04 2.84
C VAL A 93 10.47 -10.24 3.09
N LEU A 94 10.46 -8.95 2.74
CA LEU A 94 11.58 -8.08 3.07
C LEU A 94 11.73 -7.95 4.58
N PHE A 95 10.60 -7.90 5.30
CA PHE A 95 10.64 -7.79 6.75
C PHE A 95 11.31 -9.01 7.38
N VAL A 96 10.88 -10.21 7.01
CA VAL A 96 11.47 -11.41 7.59
C VAL A 96 12.92 -11.57 7.14
N SER A 97 13.25 -11.12 5.93
CA SER A 97 14.64 -11.15 5.49
C SER A 97 15.51 -10.22 6.32
N MET A 98 14.99 -9.04 6.64
CA MET A 98 15.74 -8.11 7.50
C MET A 98 15.91 -8.68 8.90
N LEU A 99 14.87 -9.32 9.44
CA LEU A 99 15.02 -9.97 10.74
C LEU A 99 16.08 -11.07 10.70
N GLU A 100 16.09 -11.86 9.62
CA GLU A 100 17.08 -12.92 9.50
C GLU A 100 18.50 -12.36 9.39
N THR A 101 18.67 -11.28 8.61
CA THR A 101 20.00 -10.75 8.36
C THR A 101 20.50 -9.81 9.46
N PHE A 102 19.63 -9.39 10.38
CA PHE A 102 20.03 -8.48 11.45
C PHE A 102 19.86 -9.07 12.84
N GLY A 103 19.80 -10.39 12.98
CA GLY A 103 19.61 -11.02 14.27
C GLY A 103 20.70 -10.72 15.29
N SER A 104 20.29 -10.28 16.47
CA SER A 104 21.20 -9.99 17.56
C SER A 104 20.42 -10.02 18.87
N LYS A 105 21.00 -10.65 19.89
CA LYS A 105 20.30 -10.85 21.15
C LYS A 105 20.47 -9.68 22.12
N ASP A 106 21.23 -8.65 21.75
CA ASP A 106 21.41 -7.51 22.64
C ASP A 106 20.12 -6.75 22.87
N ASP A 107 19.20 -6.78 21.91
CA ASP A 107 17.88 -6.17 22.06
C ASP A 107 16.80 -7.16 21.68
N ASP A 108 15.75 -7.23 22.50
CA ASP A 108 14.61 -8.10 22.23
C ASP A 108 13.49 -7.40 21.48
N LYS A 109 13.59 -6.09 21.27
CA LYS A 109 12.56 -5.33 20.56
C LYS A 109 12.89 -5.15 19.09
N MET A 110 13.55 -6.13 18.48
CA MET A 110 13.99 -6.01 17.09
C MET A 110 12.84 -5.86 16.11
N VAL A 111 11.69 -6.48 16.40
CA VAL A 111 10.53 -6.33 15.52
C VAL A 111 10.08 -4.87 15.47
N PHE A 112 10.07 -4.21 16.63
CA PHE A 112 9.66 -2.81 16.70
C PHE A 112 10.55 -1.92 15.83
N LYS A 113 11.87 -2.12 15.92
CA LYS A 113 12.78 -1.29 15.14
C LYS A 113 12.72 -1.64 13.65
N THR A 114 12.59 -2.92 13.34
CA THR A 114 12.67 -3.35 11.94
C THR A 114 11.41 -3.00 11.16
N ALA A 115 10.23 -3.12 11.79
CA ALA A 115 9.00 -2.75 11.10
C ALA A 115 8.95 -1.26 10.77
N TRP A 116 9.71 -0.45 11.50
CA TRP A 116 9.74 0.99 11.25
C TRP A 116 10.25 1.31 9.86
N VAL A 117 11.14 0.48 9.31
CA VAL A 117 11.68 0.76 7.99
C VAL A 117 10.59 0.72 6.93
N GLY A 118 9.84 -0.39 6.89
CA GLY A 118 8.74 -0.49 5.93
C GLY A 118 7.62 0.49 6.23
N SER A 119 7.35 0.72 7.52
CA SER A 119 6.30 1.66 7.90
C SER A 119 6.64 3.06 7.43
N LEU A 120 7.89 3.48 7.61
CA LEU A 120 8.34 4.80 7.16
C LEU A 120 8.37 4.88 5.65
N SER A 121 8.72 3.79 4.97
CA SER A 121 8.69 3.78 3.51
C SER A 121 7.28 4.04 3.00
N MET A 122 6.31 3.29 3.52
CA MET A 122 4.92 3.50 3.09
C MET A 122 4.43 4.89 3.49
N GLY A 123 4.78 5.34 4.69
CA GLY A 123 4.33 6.66 5.13
C GLY A 123 4.89 7.79 4.30
N MET A 124 6.16 7.69 3.91
CA MET A 124 6.75 8.73 3.08
C MET A 124 6.27 8.64 1.63
N ILE A 125 5.93 7.45 1.15
CA ILE A 125 5.32 7.34 -0.17
C ILE A 125 3.96 8.02 -0.19
N PHE A 126 3.15 7.77 0.85
CA PHE A 126 1.82 8.36 0.89
C PHE A 126 1.85 9.84 1.26
N PHE A 127 2.86 10.27 2.01
CA PHE A 127 2.91 11.64 2.51
C PHE A 127 3.30 12.63 1.43
N CYS A 128 4.22 12.24 0.55
CA CYS A 128 4.76 13.16 -0.45
C CYS A 128 3.80 13.43 -1.59
N CYS A 129 2.58 12.85 -1.57
CA CYS A 129 1.67 13.00 -2.69
C CYS A 129 1.27 14.44 -2.99
N PRO A 130 0.90 15.28 -2.01
CA PRO A 130 0.72 16.70 -2.34
C PRO A 130 2.00 17.38 -2.81
N ILE A 131 3.15 16.99 -2.27
CA ILE A 131 4.42 17.61 -2.66
C ILE A 131 4.75 17.28 -4.11
N VAL A 132 4.64 16.00 -4.47
CA VAL A 132 4.90 15.64 -5.87
C VAL A 132 3.82 16.21 -6.78
N SER A 133 2.58 16.35 -6.28
CA SER A 133 1.53 16.95 -7.09
C SER A 133 1.89 18.40 -7.46
N VAL A 134 2.25 19.20 -6.46
CA VAL A 134 2.60 20.59 -6.74
C VAL A 134 3.91 20.70 -7.51
N PHE A 135 4.81 19.72 -7.37
CA PHE A 135 6.05 19.75 -8.14
C PHE A 135 5.78 19.46 -9.62
N THR A 136 4.99 18.42 -9.90
CA THR A 136 4.69 18.05 -11.28
C THR A 136 3.79 19.08 -11.95
N ASP A 137 2.98 19.80 -11.16
CA ASP A 137 2.08 20.79 -11.75
C ASP A 137 2.84 21.96 -12.39
N LEU A 138 4.12 22.14 -12.07
CA LEU A 138 4.86 23.28 -12.58
C LEU A 138 6.28 22.96 -13.05
N PHE A 139 6.76 21.73 -12.90
CA PHE A 139 8.05 21.32 -13.46
C PHE A 139 7.91 20.23 -14.52
N GLY A 140 6.71 20.03 -15.07
CA GLY A 140 6.54 19.10 -16.17
C GLY A 140 6.50 17.64 -15.75
N CYS A 141 5.67 16.85 -16.44
CA CYS A 141 5.53 15.44 -16.07
C CYS A 141 6.79 14.65 -16.40
N ARG A 142 7.37 14.89 -17.57
CA ARG A 142 8.53 14.13 -18.02
C ARG A 142 9.71 14.33 -17.08
N LYS A 143 10.06 15.59 -16.81
CA LYS A 143 11.23 15.89 -15.98
C LYS A 143 11.04 15.39 -14.56
N THR A 144 9.88 15.65 -13.97
CA THR A 144 9.63 15.22 -12.60
C THR A 144 9.62 13.70 -12.49
N ALA A 145 9.00 13.02 -13.44
CA ALA A 145 8.97 11.56 -13.42
C ALA A 145 10.38 10.99 -13.55
N VAL A 146 11.19 11.54 -14.45
CA VAL A 146 12.52 10.98 -14.68
C VAL A 146 13.42 11.26 -13.48
N VAL A 147 13.33 12.45 -12.87
CA VAL A 147 14.18 12.71 -11.71
C VAL A 147 13.71 11.92 -10.49
N GLY A 148 12.40 11.70 -10.36
CA GLY A 148 11.92 10.88 -9.27
C GLY A 148 12.36 9.44 -9.41
N ALA A 149 12.30 8.90 -10.63
CA ALA A 149 12.81 7.55 -10.86
C ALA A 149 14.30 7.48 -10.59
N ALA A 150 15.05 8.51 -10.98
CA ALA A 150 16.49 8.52 -10.75
C ALA A 150 16.82 8.56 -9.27
N VAL A 151 16.14 9.41 -8.50
CA VAL A 151 16.44 9.50 -7.07
C VAL A 151 16.00 8.24 -6.34
N GLY A 152 14.87 7.65 -6.76
CA GLY A 152 14.48 6.38 -6.18
C GLY A 152 15.47 5.27 -6.48
N PHE A 153 15.98 5.24 -7.71
CA PHE A 153 16.97 4.24 -8.09
C PHE A 153 18.26 4.42 -7.29
N VAL A 154 18.72 5.67 -7.12
CA VAL A 154 19.98 5.87 -6.41
C VAL A 154 19.80 5.63 -4.92
N GLY A 155 18.60 5.89 -4.37
CA GLY A 155 18.35 5.53 -2.99
C GLY A 155 18.28 4.03 -2.78
N LEU A 156 17.64 3.32 -3.71
CA LEU A 156 17.51 1.87 -3.59
C LEU A 156 18.86 1.19 -3.76
N MET A 157 19.69 1.70 -4.68
CA MET A 157 21.04 1.17 -4.83
C MET A 157 21.86 1.40 -3.57
N SER A 158 21.74 2.59 -2.98
CA SER A 158 22.44 2.86 -1.73
C SER A 158 21.89 2.05 -0.56
N SER A 159 20.65 1.58 -0.66
CA SER A 159 20.08 0.75 0.39
C SER A 159 20.74 -0.61 0.49
N SER A 160 21.43 -1.05 -0.57
CA SER A 160 22.17 -2.30 -0.55
C SER A 160 23.59 -2.13 -0.02
N PHE A 161 24.04 -0.89 0.18
CA PHE A 161 25.37 -0.61 0.71
C PHE A 161 25.31 -0.28 2.21
N VAL A 162 24.40 -0.95 2.93
CA VAL A 162 24.12 -0.63 4.32
C VAL A 162 24.48 -1.85 5.17
N SER A 163 25.17 -1.60 6.28
CA SER A 163 25.58 -2.66 7.20
C SER A 163 24.85 -2.62 8.53
N SER A 164 23.75 -1.88 8.63
CA SER A 164 23.01 -1.77 9.89
C SER A 164 21.53 -1.58 9.56
N ILE A 165 20.76 -1.18 10.57
CA ILE A 165 19.33 -0.97 10.41
C ILE A 165 18.97 0.51 10.43
N GLU A 166 19.59 1.28 11.33
CA GLU A 166 19.29 2.71 11.41
C GLU A 166 19.58 3.47 10.12
N PRO A 167 20.71 3.26 9.42
CA PRO A 167 20.85 3.91 8.10
C PRO A 167 19.81 3.47 7.09
N LEU A 168 19.25 2.26 7.21
CA LEU A 168 18.19 1.85 6.31
C LEU A 168 16.92 2.68 6.46
N TYR A 169 16.78 3.44 7.54
CA TYR A 169 15.63 4.32 7.67
C TYR A 169 15.62 5.36 6.55
N LEU A 170 16.74 6.05 6.36
CA LEU A 170 16.78 7.11 5.36
C LEU A 170 16.85 6.53 3.95
N THR A 171 17.82 5.65 3.69
CA THR A 171 18.11 5.23 2.32
C THR A 171 16.99 4.38 1.70
N TYR A 172 16.11 3.81 2.51
CA TYR A 172 14.98 3.05 2.02
C TYR A 172 13.65 3.70 2.37
N GLY A 173 13.44 4.04 3.64
CA GLY A 173 12.17 4.63 4.04
C GLY A 173 12.02 6.10 3.72
N ILE A 174 13.08 6.77 3.27
CA ILE A 174 12.97 8.19 2.95
C ILE A 174 13.35 8.43 1.49
N ILE A 175 14.60 8.11 1.14
CA ILE A 175 15.08 8.42 -0.21
C ILE A 175 14.35 7.55 -1.24
N PHE A 176 14.31 6.24 -1.01
CA PHE A 176 13.61 5.35 -1.93
C PHE A 176 12.12 5.65 -1.93
N ALA A 177 11.55 5.94 -0.76
CA ALA A 177 10.13 6.24 -0.67
C ALA A 177 9.79 7.55 -1.37
N CYS A 178 10.60 8.60 -1.18
CA CYS A 178 10.29 9.85 -1.85
C CYS A 178 10.51 9.75 -3.35
N GLY A 179 11.49 8.95 -3.78
CA GLY A 179 11.65 8.70 -5.21
C GLY A 179 10.45 7.98 -5.80
N CYS A 180 9.95 6.96 -5.10
CA CYS A 180 8.77 6.24 -5.57
C CYS A 180 7.55 7.15 -5.62
N SER A 181 7.39 8.01 -4.62
CA SER A 181 6.27 8.95 -4.62
C SER A 181 6.42 9.97 -5.74
N PHE A 182 7.65 10.41 -6.01
CA PHE A 182 7.90 11.36 -7.08
C PHE A 182 7.71 10.72 -8.46
N ALA A 183 7.83 9.41 -8.56
CA ALA A 183 7.63 8.73 -9.84
C ALA A 183 6.19 8.29 -10.06
N TYR A 184 5.46 7.92 -9.01
CA TYR A 184 4.14 7.34 -9.18
C TYR A 184 3.11 8.39 -9.61
N GLN A 185 3.11 9.54 -8.95
CA GLN A 185 2.09 10.55 -9.22
C GLN A 185 2.08 11.09 -10.66
N PRO A 186 3.21 11.41 -11.30
CA PRO A 186 3.13 11.89 -12.69
C PRO A 186 2.54 10.87 -13.65
N SER A 187 2.59 9.58 -13.33
CA SER A 187 1.90 8.60 -14.16
C SER A 187 0.39 8.82 -14.16
N LEU A 188 -0.16 9.28 -13.05
CA LEU A 188 -1.59 9.57 -12.99
C LEU A 188 -1.96 10.77 -13.86
N VAL A 189 -1.09 11.77 -13.92
CA VAL A 189 -1.40 12.99 -14.67
C VAL A 189 -1.19 12.81 -16.16
N ILE A 190 -0.19 12.03 -16.57
CA ILE A 190 0.17 11.91 -17.98
C ILE A 190 -0.94 11.25 -18.80
N LEU A 191 -1.83 10.49 -18.16
CA LEU A 191 -2.92 9.85 -18.88
C LEU A 191 -4.08 10.78 -19.16
N GLY A 192 -4.13 11.95 -18.53
CA GLY A 192 -5.25 12.85 -18.70
C GLY A 192 -5.28 13.61 -20.00
N HIS A 193 -4.15 13.71 -20.69
CA HIS A 193 -4.07 14.48 -21.92
C HIS A 193 -3.73 13.64 -23.15
N TYR A 194 -3.66 12.32 -23.01
CA TYR A 194 -3.41 11.42 -24.13
C TYR A 194 -4.67 10.59 -24.39
N PHE A 195 -5.30 10.81 -25.54
CA PHE A 195 -6.48 10.06 -25.97
C PHE A 195 -7.58 10.11 -24.91
N LYS A 196 -8.09 11.33 -24.70
CA LYS A 196 -9.04 11.60 -23.62
C LYS A 196 -10.46 11.17 -24.03
N LYS A 197 -10.58 9.93 -24.51
CA LYS A 197 -11.89 9.39 -24.82
C LYS A 197 -12.24 8.15 -24.01
N ARG A 198 -11.49 7.05 -24.16
CA ARG A 198 -11.82 5.79 -23.50
C ARG A 198 -10.89 5.51 -22.33
N LEU A 199 -10.96 6.34 -21.29
CA LEU A 199 -10.10 6.14 -20.13
C LEU A 199 -10.65 5.12 -19.14
N GLY A 200 -11.92 4.71 -19.26
CA GLY A 200 -12.42 3.66 -18.38
C GLY A 200 -11.70 2.35 -18.60
N LEU A 201 -11.63 1.91 -19.86
CA LEU A 201 -10.90 0.69 -20.18
C LEU A 201 -9.40 0.84 -19.94
N VAL A 202 -8.87 2.05 -20.14
CA VAL A 202 -7.45 2.30 -19.87
C VAL A 202 -7.16 2.10 -18.39
N ASN A 203 -8.00 2.68 -17.53
CA ASN A 203 -7.84 2.53 -16.09
C ASN A 203 -8.01 1.08 -15.67
N GLY A 204 -8.99 0.39 -16.25
CA GLY A 204 -9.17 -1.02 -15.94
C GLY A 204 -7.96 -1.86 -16.31
N ILE A 205 -7.41 -1.62 -17.50
CA ILE A 205 -6.26 -2.38 -17.97
C ILE A 205 -5.03 -2.09 -17.12
N VAL A 206 -4.80 -0.81 -16.77
CA VAL A 206 -3.63 -0.51 -15.97
C VAL A 206 -3.78 -1.04 -14.56
N THR A 207 -4.99 -1.05 -13.99
CA THR A 207 -5.19 -1.65 -12.68
C THR A 207 -4.97 -3.16 -12.72
N ALA A 208 -5.47 -3.82 -13.78
CA ALA A 208 -5.24 -5.25 -13.92
C ALA A 208 -3.76 -5.57 -14.07
N GLY A 209 -3.03 -4.75 -14.84
CA GLY A 209 -1.60 -4.95 -14.99
C GLY A 209 -0.83 -4.72 -13.70
N SER A 210 -1.20 -3.69 -12.94
CA SER A 210 -0.56 -3.46 -11.66
C SER A 210 -0.84 -4.61 -10.70
N SER A 211 -2.06 -5.13 -10.71
CA SER A 211 -2.40 -6.25 -9.84
C SER A 211 -1.64 -7.52 -10.23
N VAL A 212 -1.53 -7.79 -11.54
CA VAL A 212 -0.82 -9.00 -11.94
C VAL A 212 0.68 -8.86 -11.67
N PHE A 213 1.21 -7.64 -11.76
CA PHE A 213 2.60 -7.41 -11.36
C PHE A 213 2.78 -7.62 -9.86
N THR A 214 1.82 -7.14 -9.06
CA THR A 214 1.86 -7.35 -7.62
C THR A 214 1.74 -8.83 -7.28
N ILE A 215 1.05 -9.60 -8.12
CA ILE A 215 1.00 -11.04 -7.92
C ILE A 215 2.35 -11.67 -8.25
N LEU A 216 2.90 -11.35 -9.42
CA LEU A 216 4.11 -12.00 -9.89
C LEU A 216 5.36 -11.56 -9.14
N LEU A 217 5.30 -10.47 -8.35
CA LEU A 217 6.52 -9.97 -7.72
C LEU A 217 6.99 -10.81 -6.54
N PRO A 218 6.16 -11.18 -5.56
CA PRO A 218 6.71 -11.86 -4.36
C PRO A 218 7.40 -13.18 -4.64
N LEU A 219 6.99 -13.94 -5.66
CA LEU A 219 7.77 -15.12 -6.03
C LEU A 219 9.18 -14.73 -6.45
N LEU A 220 9.30 -13.68 -7.26
CA LEU A 220 10.62 -13.20 -7.65
C LEU A 220 11.41 -12.73 -6.44
N LEU A 221 10.75 -12.04 -5.51
CA LEU A 221 11.41 -11.58 -4.31
C LEU A 221 11.95 -12.75 -3.48
N ARG A 222 11.13 -13.78 -3.30
CA ARG A 222 11.54 -14.91 -2.48
C ARG A 222 12.66 -15.71 -3.14
N VAL A 223 12.57 -15.93 -4.46
CA VAL A 223 13.63 -16.69 -5.12
C VAL A 223 14.93 -15.89 -5.12
N LEU A 224 14.84 -14.57 -5.30
CA LEU A 224 16.04 -13.74 -5.21
C LEU A 224 16.64 -13.82 -3.81
N ILE A 225 15.81 -13.76 -2.78
CA ILE A 225 16.29 -13.80 -1.40
C ILE A 225 17.03 -15.11 -1.15
N ASP A 226 16.36 -16.24 -1.34
CA ASP A 226 16.97 -17.50 -0.99
C ASP A 226 17.97 -18.00 -2.03
N SER A 227 18.16 -17.29 -3.13
CA SER A 227 19.18 -17.64 -4.10
C SER A 227 20.46 -16.81 -3.96
N VAL A 228 20.35 -15.52 -3.66
CA VAL A 228 21.52 -14.65 -3.65
C VAL A 228 21.66 -13.79 -2.40
N GLY A 229 20.62 -13.63 -1.58
CA GLY A 229 20.71 -12.80 -0.40
C GLY A 229 19.81 -11.58 -0.49
N LEU A 230 19.90 -10.75 0.54
CA LEU A 230 19.04 -9.58 0.67
C LEU A 230 19.62 -8.35 -0.01
N PHE A 231 20.91 -8.06 0.22
CA PHE A 231 21.52 -6.90 -0.39
C PHE A 231 21.53 -7.00 -1.91
N TYR A 232 21.88 -8.18 -2.43
CA TYR A 232 21.81 -8.39 -3.87
C TYR A 232 20.36 -8.36 -4.36
N THR A 233 19.40 -8.73 -3.51
CA THR A 233 18.00 -8.62 -3.89
C THR A 233 17.61 -7.16 -4.10
N LEU A 234 18.01 -6.28 -3.16
CA LEU A 234 17.78 -4.86 -3.36
C LEU A 234 18.55 -4.32 -4.56
N ARG A 235 19.69 -4.93 -4.86
CA ARG A 235 20.42 -4.58 -6.08
C ARG A 235 19.60 -4.90 -7.32
N VAL A 236 18.94 -6.06 -7.34
CA VAL A 236 18.23 -6.49 -8.54
C VAL A 236 16.99 -5.63 -8.79
N LEU A 237 16.26 -5.28 -7.73
CA LEU A 237 15.05 -4.48 -7.88
C LEU A 237 15.32 -3.07 -8.39
N CYS A 238 16.58 -2.62 -8.38
CA CYS A 238 16.90 -1.35 -9.02
C CYS A 238 16.70 -1.39 -10.52
N ILE A 239 16.69 -2.58 -11.13
CA ILE A 239 16.42 -2.69 -12.56
C ILE A 239 15.00 -2.26 -12.87
N PHE A 240 14.04 -2.62 -12.02
CA PHE A 240 12.68 -2.12 -12.19
C PHE A 240 12.64 -0.61 -12.07
N MET A 241 13.37 -0.06 -11.10
CA MET A 241 13.54 1.38 -11.02
C MET A 241 14.26 1.91 -12.25
N PHE A 242 15.18 1.15 -12.82
CA PHE A 242 15.83 1.58 -14.06
C PHE A 242 14.86 1.54 -15.23
N VAL A 243 13.94 0.57 -15.25
CA VAL A 243 12.92 0.53 -16.29
C VAL A 243 12.02 1.75 -16.19
N LEU A 244 11.62 2.11 -14.96
CA LEU A 244 10.84 3.33 -14.77
C LEU A 244 11.65 4.57 -15.11
N PHE A 245 12.96 4.52 -14.90
CA PHE A 245 13.86 5.59 -15.33
C PHE A 245 13.82 5.76 -16.83
N LEU A 246 13.83 4.66 -17.58
CA LEU A 246 13.75 4.73 -19.03
C LEU A 246 12.35 5.15 -19.47
N ALA A 247 11.32 4.71 -18.76
CA ALA A 247 9.93 4.94 -19.15
C ALA A 247 9.53 6.35 -18.75
N GLY A 248 9.34 7.22 -19.74
CA GLY A 248 8.93 8.59 -19.47
C GLY A 248 10.01 9.40 -18.78
N ILE A 282 -1.52 24.75 -6.07
CA ILE A 282 -1.73 25.31 -4.75
C ILE A 282 -2.57 24.36 -3.90
N PHE A 283 -2.01 23.92 -2.78
CA PHE A 283 -2.66 22.95 -1.90
C PHE A 283 -3.48 23.67 -0.83
N ASN A 284 -4.51 24.37 -1.30
CA ASN A 284 -5.39 25.12 -0.42
C ASN A 284 -6.20 24.20 0.49
N PHE A 285 -6.36 24.62 1.73
CA PHE A 285 -7.04 23.83 2.76
C PHE A 285 -8.53 24.15 2.84
N ALA A 286 -9.06 24.96 1.93
CA ALA A 286 -10.45 25.41 2.02
C ALA A 286 -11.46 24.30 1.75
N ILE A 287 -11.02 23.13 1.26
CA ILE A 287 -11.94 22.05 0.95
C ILE A 287 -12.44 21.32 2.19
N PHE A 288 -11.83 21.56 3.35
CA PHE A 288 -12.20 20.85 4.57
C PHE A 288 -13.40 21.47 5.28
N LYS A 289 -13.90 22.60 4.79
CA LYS A 289 -15.03 23.24 5.45
C LYS A 289 -16.34 22.49 5.22
N VAL A 290 -16.37 21.57 4.27
CA VAL A 290 -17.52 20.68 4.13
C VAL A 290 -17.38 19.55 5.15
N THR A 291 -18.48 19.25 5.85
CA THR A 291 -18.40 18.32 6.97
C THR A 291 -18.21 16.89 6.50
N ALA A 292 -18.82 16.52 5.38
CA ALA A 292 -18.78 15.14 4.91
C ALA A 292 -17.35 14.72 4.56
N TYR A 293 -16.63 15.56 3.81
CA TYR A 293 -15.26 15.22 3.47
C TYR A 293 -14.38 15.23 4.71
N ALA A 294 -14.64 16.13 5.65
CA ALA A 294 -13.85 16.18 6.88
C ALA A 294 -14.00 14.89 7.68
N VAL A 295 -15.24 14.44 7.87
CA VAL A 295 -15.45 13.22 8.64
C VAL A 295 -14.91 12.01 7.88
N TRP A 296 -15.04 12.00 6.55
CA TRP A 296 -14.49 10.91 5.76
C TRP A 296 -12.97 10.85 5.87
N ALA A 297 -12.31 12.00 5.79
CA ALA A 297 -10.86 12.07 5.80
C ALA A 297 -10.26 12.01 7.19
N VAL A 298 -11.08 12.07 8.24
CA VAL A 298 -10.59 11.73 9.58
C VAL A 298 -10.91 10.30 9.94
N GLY A 299 -11.95 9.70 9.36
CA GLY A 299 -12.29 8.32 9.64
C GLY A 299 -11.49 7.31 8.84
N ILE A 300 -11.15 7.64 7.59
CA ILE A 300 -10.37 6.71 6.76
C ILE A 300 -9.00 6.42 7.36
N PRO A 301 -8.17 7.43 7.72
CA PRO A 301 -6.89 7.08 8.36
C PRO A 301 -7.06 6.33 9.66
N LEU A 302 -8.11 6.62 10.43
CA LEU A 302 -8.37 5.85 11.64
C LEU A 302 -8.69 4.40 11.31
N ALA A 303 -9.28 4.15 10.15
CA ALA A 303 -9.55 2.78 9.70
C ALA A 303 -8.36 2.15 8.98
N LEU A 304 -7.33 2.92 8.68
CA LEU A 304 -6.13 2.42 8.01
C LEU A 304 -5.01 2.06 8.98
N PHE A 305 -5.28 2.10 10.29
CA PHE A 305 -4.25 1.76 11.27
C PHE A 305 -3.84 0.30 11.15
N GLY A 306 -4.81 -0.61 11.15
CA GLY A 306 -4.54 -2.02 11.06
C GLY A 306 -4.47 -2.57 9.67
N TYR A 307 -4.53 -1.72 8.65
CA TYR A 307 -4.51 -2.18 7.27
C TYR A 307 -3.13 -2.72 6.88
N PHE A 308 -2.08 -1.97 7.20
CA PHE A 308 -0.73 -2.34 6.78
C PHE A 308 -0.03 -3.27 7.74
N VAL A 309 -0.66 -3.63 8.86
CA VAL A 309 -0.05 -4.59 9.78
C VAL A 309 0.19 -5.94 9.13
N PRO A 310 -0.78 -6.59 8.47
CA PRO A 310 -0.49 -7.90 7.87
C PRO A 310 0.45 -7.84 6.68
N TYR A 311 0.42 -6.75 5.90
CA TYR A 311 1.28 -6.66 4.72
C TYR A 311 2.75 -6.71 5.07
N VAL A 312 3.12 -6.35 6.30
CA VAL A 312 4.51 -6.38 6.71
C VAL A 312 4.80 -7.44 7.78
N HIS A 313 3.82 -7.82 8.60
CA HIS A 313 4.07 -8.75 9.69
C HIS A 313 3.51 -10.15 9.45
N LEU A 314 2.67 -10.34 8.45
CA LEU A 314 1.99 -11.62 8.29
C LEU A 314 2.97 -12.72 7.88
N MET A 315 3.97 -12.37 7.07
CA MET A 315 4.96 -13.37 6.66
C MET A 315 5.76 -13.89 7.85
N LYS A 316 6.06 -13.02 8.81
CA LYS A 316 6.67 -13.48 10.04
C LYS A 316 5.72 -14.38 10.83
N HIS A 317 4.42 -14.06 10.80
CA HIS A 317 3.44 -14.89 11.49
C HIS A 317 3.38 -16.29 10.90
N VAL A 318 3.27 -16.39 9.58
CA VAL A 318 3.21 -17.71 8.95
C VAL A 318 4.56 -18.40 8.98
N ASN A 319 5.64 -17.65 9.16
CA ASN A 319 6.95 -18.28 9.34
C ASN A 319 7.07 -18.91 10.71
N GLU A 320 6.55 -18.23 11.74
CA GLU A 320 6.64 -18.72 13.11
C GLU A 320 5.52 -19.70 13.46
N ARG A 321 4.48 -19.80 12.65
CA ARG A 321 3.37 -20.72 12.92
C ARG A 321 3.23 -21.82 11.89
N PHE A 322 3.69 -21.62 10.66
CA PHE A 322 3.52 -22.58 9.59
C PHE A 322 4.85 -22.87 8.91
N GLN A 323 5.87 -23.18 9.70
CA GLN A 323 7.16 -23.55 9.15
C GLN A 323 7.09 -24.84 8.34
N ASP A 324 6.06 -25.65 8.55
CA ASP A 324 5.87 -26.86 7.75
C ASP A 324 5.23 -26.57 6.41
N GLU A 325 4.73 -25.35 6.19
CA GLU A 325 4.08 -25.01 4.93
C GLU A 325 5.11 -24.96 3.82
N LYS A 326 4.82 -25.62 2.69
CA LYS A 326 5.77 -25.71 1.60
C LYS A 326 5.88 -24.41 0.81
N ASN A 327 4.78 -23.69 0.62
CA ASN A 327 4.78 -22.45 -0.15
C ASN A 327 4.13 -21.36 0.70
N LYS A 328 4.93 -20.43 1.17
CA LYS A 328 4.49 -19.41 2.11
C LYS A 328 3.97 -18.15 1.44
N GLU A 329 4.34 -17.90 0.18
CA GLU A 329 3.95 -16.69 -0.52
C GLU A 329 2.61 -16.83 -1.23
N VAL A 330 1.92 -17.95 -1.07
CA VAL A 330 0.58 -18.10 -1.63
C VAL A 330 -0.36 -17.06 -1.03
N VAL A 331 -0.06 -16.61 0.19
CA VAL A 331 -0.83 -15.53 0.82
C VAL A 331 -0.81 -14.29 -0.05
N LEU A 332 0.38 -13.88 -0.48
CA LEU A 332 0.48 -12.71 -1.35
C LEU A 332 -0.15 -12.97 -2.71
N MET A 333 -0.08 -14.21 -3.20
CA MET A 333 -0.76 -14.56 -4.43
C MET A 333 -2.26 -14.39 -4.31
N CYS A 334 -2.84 -14.95 -3.24
CA CYS A 334 -4.27 -14.84 -3.03
C CYS A 334 -4.68 -13.39 -2.78
N ILE A 335 -3.90 -12.66 -1.97
CA ILE A 335 -4.27 -11.29 -1.65
C ILE A 335 -4.22 -10.44 -2.92
N GLY A 336 -3.24 -10.70 -3.80
CA GLY A 336 -3.13 -9.93 -5.02
C GLY A 336 -4.21 -10.26 -6.04
N VAL A 337 -4.50 -11.54 -6.23
CA VAL A 337 -5.50 -11.92 -7.22
C VAL A 337 -6.89 -11.48 -6.78
N THR A 338 -7.17 -11.57 -5.47
CA THR A 338 -8.47 -11.10 -5.01
C THR A 338 -8.53 -9.58 -4.96
N SER A 339 -7.40 -8.91 -4.75
CA SER A 339 -7.38 -7.45 -4.88
C SER A 339 -7.72 -7.03 -6.30
N GLY A 340 -7.11 -7.68 -7.29
CA GLY A 340 -7.41 -7.34 -8.68
C GLY A 340 -8.84 -7.68 -9.07
N VAL A 341 -9.35 -8.81 -8.58
CA VAL A 341 -10.74 -9.16 -8.82
C VAL A 341 -11.66 -8.11 -8.22
N GLY A 342 -11.34 -7.65 -7.01
CA GLY A 342 -12.12 -6.57 -6.41
C GLY A 342 -12.07 -5.29 -7.21
N ARG A 343 -10.88 -4.91 -7.70
CA ARG A 343 -10.74 -3.72 -8.53
C ARG A 343 -11.65 -3.81 -9.75
N LEU A 344 -11.56 -4.91 -10.49
CA LEU A 344 -12.37 -5.05 -11.70
C LEU A 344 -13.86 -5.11 -11.38
N LEU A 345 -14.24 -5.89 -10.37
CA LEU A 345 -15.64 -6.07 -10.03
C LEU A 345 -16.28 -4.77 -9.58
N PHE A 346 -15.57 -4.00 -8.76
CA PHE A 346 -16.13 -2.76 -8.23
C PHE A 346 -15.78 -1.55 -9.09
N GLY A 347 -15.06 -1.75 -10.20
CA GLY A 347 -15.05 -0.74 -11.23
C GLY A 347 -16.15 -0.96 -12.26
N ARG A 348 -16.61 -2.21 -12.40
CA ARG A 348 -17.64 -2.52 -13.36
C ARG A 348 -19.06 -2.47 -12.78
N ILE A 349 -19.25 -2.84 -11.51
CA ILE A 349 -20.60 -3.02 -10.98
C ILE A 349 -20.91 -2.02 -9.87
N ALA A 350 -19.89 -1.59 -9.12
CA ALA A 350 -20.13 -0.83 -7.90
C ALA A 350 -20.85 0.50 -8.13
N ASP A 351 -20.87 1.01 -9.36
CA ASP A 351 -21.70 2.16 -9.68
C ASP A 351 -23.18 1.83 -9.76
N TYR A 352 -23.57 0.60 -9.40
CA TYR A 352 -24.98 0.24 -9.34
C TYR A 352 -25.72 1.09 -8.32
N VAL A 353 -25.12 1.27 -7.15
CA VAL A 353 -25.73 2.09 -6.10
C VAL A 353 -25.46 3.57 -6.41
N PRO A 354 -26.48 4.41 -6.38
CA PRO A 354 -26.30 5.84 -6.68
C PRO A 354 -26.08 6.67 -5.43
N GLY A 355 -25.77 7.95 -5.66
CA GLY A 355 -25.71 8.93 -4.60
C GLY A 355 -24.46 8.80 -3.73
N VAL A 356 -24.52 9.53 -2.61
CA VAL A 356 -23.43 9.54 -1.64
C VAL A 356 -23.28 8.22 -0.91
N LYS A 357 -24.28 7.33 -1.04
CA LYS A 357 -24.34 6.06 -0.32
C LYS A 357 -23.29 5.05 -0.78
N LYS A 358 -22.32 5.42 -1.63
CA LYS A 358 -21.24 4.50 -1.97
C LYS A 358 -20.41 4.11 -0.76
N VAL A 359 -20.40 4.94 0.29
CA VAL A 359 -19.65 4.63 1.50
C VAL A 359 -20.26 3.46 2.24
N TYR A 360 -21.54 3.15 1.99
CA TYR A 360 -22.12 1.93 2.57
C TYR A 360 -21.44 0.69 2.01
N LEU A 361 -21.04 0.73 0.74
CA LEU A 361 -20.15 -0.32 0.22
C LEU A 361 -18.78 -0.24 0.86
N GLN A 362 -18.33 0.98 1.22
CA GLN A 362 -17.03 1.12 1.85
C GLN A 362 -17.06 0.62 3.29
N VAL A 363 -18.10 0.97 4.06
CA VAL A 363 -18.18 0.53 5.44
C VAL A 363 -18.37 -0.98 5.50
N LEU A 364 -19.06 -1.56 4.52
CA LEU A 364 -19.18 -3.02 4.45
C LEU A 364 -17.81 -3.67 4.26
N SER A 365 -17.00 -3.12 3.35
CA SER A 365 -15.66 -3.64 3.14
C SER A 365 -14.81 -3.52 4.40
N PHE A 366 -14.90 -2.37 5.08
CA PHE A 366 -14.13 -2.20 6.31
C PHE A 366 -14.60 -3.16 7.39
N PHE A 367 -15.90 -3.40 7.51
CA PHE A 367 -16.40 -4.33 8.52
C PHE A 367 -15.91 -5.74 8.25
N PHE A 368 -16.00 -6.20 7.00
CA PHE A 368 -15.50 -7.55 6.69
C PHE A 368 -13.99 -7.66 6.85
N ILE A 369 -13.22 -6.64 6.44
CA ILE A 369 -11.78 -6.77 6.60
C ILE A 369 -11.41 -6.72 8.09
N GLY A 370 -12.12 -5.95 8.90
CA GLY A 370 -11.83 -5.94 10.32
C GLY A 370 -12.13 -7.26 10.99
N LEU A 371 -13.32 -7.82 10.72
CA LEU A 371 -13.65 -9.11 11.32
C LEU A 371 -12.75 -10.21 10.78
N MET A 372 -12.31 -10.10 9.53
CA MET A 372 -11.49 -11.15 8.93
C MET A 372 -10.07 -11.08 9.44
N SER A 373 -9.58 -9.87 9.75
CA SER A 373 -8.31 -9.74 10.45
C SER A 373 -8.42 -10.25 11.88
N MET A 374 -9.60 -10.08 12.50
CA MET A 374 -9.83 -10.72 13.80
C MET A 374 -9.74 -12.23 13.68
N MET A 375 -10.24 -12.79 12.58
CA MET A 375 -10.17 -14.24 12.35
C MET A 375 -8.79 -14.71 11.91
N ILE A 376 -7.83 -13.80 11.67
CA ILE A 376 -6.50 -14.22 11.23
C ILE A 376 -5.79 -15.10 12.26
N PRO A 377 -5.72 -14.73 13.55
CA PRO A 377 -5.10 -15.65 14.52
C PRO A 377 -5.96 -16.84 14.86
N LEU A 378 -7.26 -16.80 14.57
CA LEU A 378 -8.14 -17.92 14.88
C LEU A 378 -7.98 -19.09 13.92
N CYS A 379 -7.20 -18.94 12.86
CA CYS A 379 -7.01 -20.01 11.90
C CYS A 379 -6.27 -21.18 12.53
N SER A 380 -6.67 -22.39 12.14
CA SER A 380 -6.02 -23.61 12.60
C SER A 380 -5.34 -24.37 11.47
N ILE A 381 -5.77 -24.20 10.23
CA ILE A 381 -5.15 -24.83 9.07
C ILE A 381 -4.75 -23.75 8.08
N PHE A 382 -3.81 -24.09 7.21
CA PHE A 382 -3.30 -23.12 6.25
C PHE A 382 -4.36 -22.74 5.23
N GLY A 383 -5.23 -23.67 4.84
CA GLY A 383 -6.28 -23.34 3.90
C GLY A 383 -7.27 -22.33 4.44
N ALA A 384 -7.56 -22.40 5.74
CA ALA A 384 -8.41 -21.39 6.36
C ALA A 384 -7.77 -20.02 6.29
N LEU A 385 -6.46 -19.93 6.56
CA LEU A 385 -5.76 -18.66 6.44
C LEU A 385 -5.77 -18.17 4.99
N ILE A 386 -5.64 -19.09 4.04
CA ILE A 386 -5.69 -18.73 2.64
C ILE A 386 -7.03 -18.12 2.29
N ALA A 387 -8.12 -18.76 2.73
CA ALA A 387 -9.46 -18.22 2.47
C ALA A 387 -9.64 -16.86 3.13
N VAL A 388 -9.14 -16.72 4.36
CA VAL A 388 -9.13 -15.42 5.03
C VAL A 388 -8.48 -14.37 4.15
N CYS A 389 -7.35 -14.73 3.55
CA CYS A 389 -6.66 -13.83 2.65
C CYS A 389 -7.48 -13.52 1.39
N LEU A 390 -8.20 -14.50 0.85
CA LEU A 390 -9.05 -14.23 -0.32
C LEU A 390 -10.12 -13.18 -0.01
N ILE A 391 -10.89 -13.39 1.07
CA ILE A 391 -11.92 -12.40 1.39
C ILE A 391 -11.30 -11.04 1.73
N MET A 392 -10.20 -11.03 2.50
CA MET A 392 -9.57 -9.77 2.84
C MET A 392 -9.09 -9.02 1.59
N GLY A 393 -8.48 -9.74 0.66
CA GLY A 393 -8.00 -9.10 -0.56
C GLY A 393 -9.12 -8.63 -1.46
N LEU A 394 -10.20 -9.39 -1.53
CA LEU A 394 -11.35 -8.96 -2.33
C LEU A 394 -11.91 -7.64 -1.79
N PHE A 395 -12.04 -7.53 -0.47
CA PHE A 395 -12.56 -6.28 0.08
C PHE A 395 -11.53 -5.16 0.04
N ASP A 396 -10.24 -5.49 0.09
CA ASP A 396 -9.21 -4.47 -0.12
C ASP A 396 -9.26 -3.92 -1.53
N GLY A 397 -9.43 -4.80 -2.53
CA GLY A 397 -9.60 -4.33 -3.88
C GLY A 397 -10.85 -3.47 -4.04
N CYS A 398 -11.94 -3.87 -3.37
CA CYS A 398 -13.13 -3.04 -3.34
C CYS A 398 -12.83 -1.65 -2.79
N PHE A 399 -12.14 -1.59 -1.65
CA PHE A 399 -11.81 -0.33 -1.01
C PHE A 399 -10.98 0.56 -1.92
N ILE A 400 -9.92 0.00 -2.50
CA ILE A 400 -9.04 0.79 -3.35
C ILE A 400 -9.77 1.24 -4.61
N SER A 401 -10.59 0.36 -5.20
CA SER A 401 -11.30 0.70 -6.43
C SER A 401 -12.32 1.80 -6.20
N ILE A 402 -13.05 1.76 -5.10
CA ILE A 402 -14.06 2.76 -4.82
C ILE A 402 -13.51 3.91 -3.98
N MET A 403 -12.19 3.97 -3.80
CA MET A 403 -11.59 5.08 -3.06
C MET A 403 -11.89 6.43 -3.70
N ALA A 404 -11.97 6.47 -5.03
CA ALA A 404 -12.17 7.73 -5.76
C ALA A 404 -13.61 8.22 -5.83
N PRO A 405 -14.61 7.40 -6.18
CA PRO A 405 -15.95 7.96 -6.42
C PRO A 405 -16.59 8.68 -5.24
N ILE A 406 -16.34 8.25 -4.01
CA ILE A 406 -16.88 8.99 -2.87
C ILE A 406 -16.28 10.39 -2.81
N ALA A 407 -14.98 10.52 -3.03
CA ALA A 407 -14.37 11.84 -3.10
C ALA A 407 -14.95 12.66 -4.24
N PHE A 408 -15.14 12.02 -5.40
CA PHE A 408 -15.68 12.70 -6.57
C PHE A 408 -17.07 13.26 -6.30
N GLU A 409 -17.92 12.47 -5.64
CA GLU A 409 -19.28 12.92 -5.36
C GLU A 409 -19.38 13.81 -4.12
N LEU A 410 -18.34 13.85 -3.29
CA LEU A 410 -18.39 14.70 -2.09
C LEU A 410 -17.80 16.08 -2.35
N VAL A 411 -16.54 16.15 -2.76
CA VAL A 411 -15.88 17.45 -2.92
C VAL A 411 -16.13 18.07 -4.29
N GLY A 412 -16.95 17.44 -5.13
CA GLY A 412 -17.20 17.94 -6.47
C GLY A 412 -16.16 17.45 -7.47
N ALA A 413 -16.47 17.69 -8.74
CA ALA A 413 -15.60 17.24 -9.81
C ALA A 413 -14.33 18.06 -9.93
N GLN A 414 -14.34 19.31 -9.46
CA GLN A 414 -13.22 20.21 -9.67
C GLN A 414 -12.10 20.02 -8.66
N ASP A 415 -12.31 19.25 -7.60
CA ASP A 415 -11.32 19.11 -6.53
C ASP A 415 -11.05 17.65 -6.20
N VAL A 416 -11.21 16.76 -7.17
CA VAL A 416 -10.99 15.33 -6.91
C VAL A 416 -9.52 15.07 -6.63
N SER A 417 -8.63 15.58 -7.48
CA SER A 417 -7.21 15.28 -7.35
C SER A 417 -6.62 15.92 -6.09
N GLN A 418 -7.00 17.17 -5.80
CA GLN A 418 -6.45 17.86 -4.64
C GLN A 418 -6.94 17.25 -3.33
N ALA A 419 -8.23 16.93 -3.26
CA ALA A 419 -8.76 16.27 -2.06
C ALA A 419 -8.16 14.89 -1.88
N ILE A 420 -8.01 14.13 -2.97
CA ILE A 420 -7.40 12.81 -2.85
C ILE A 420 -5.93 12.94 -2.47
N GLY A 421 -5.27 14.02 -2.90
CA GLY A 421 -3.90 14.25 -2.47
C GLY A 421 -3.79 14.49 -0.98
N PHE A 422 -4.70 15.31 -0.44
CA PHE A 422 -4.71 15.50 1.02
C PHE A 422 -5.04 14.19 1.75
N LEU A 423 -5.98 13.41 1.22
CA LEU A 423 -6.37 12.19 1.90
C LEU A 423 -5.25 11.15 1.90
N LEU A 424 -4.52 11.03 0.77
CA LEU A 424 -3.30 10.24 0.77
C LEU A 424 -2.25 10.81 1.70
N GLY A 425 -2.23 12.14 1.86
CA GLY A 425 -1.32 12.73 2.84
C GLY A 425 -1.68 12.34 4.26
N PHE A 426 -2.97 12.32 4.59
CA PHE A 426 -3.40 11.92 5.91
C PHE A 426 -3.27 10.42 6.16
N MET A 427 -3.23 9.62 5.11
CA MET A 427 -3.04 8.19 5.26
C MET A 427 -1.61 7.81 5.61
N SER A 428 -0.68 8.77 5.58
CA SER A 428 0.70 8.46 5.93
C SER A 428 0.84 8.06 7.39
N ILE A 429 0.10 8.74 8.28
CA ILE A 429 0.24 8.47 9.71
C ILE A 429 -0.17 7.04 10.08
N PRO A 430 -1.34 6.53 9.68
CA PRO A 430 -1.66 5.14 10.04
C PRO A 430 -0.68 4.11 9.50
N MET A 431 -0.17 4.33 8.29
CA MET A 431 0.79 3.38 7.70
C MET A 431 2.07 3.31 8.50
N THR A 432 2.55 4.46 8.99
CA THR A 432 3.81 4.52 9.70
C THR A 432 3.66 4.40 11.21
N VAL A 433 2.42 4.32 11.73
CA VAL A 433 2.18 4.23 13.16
C VAL A 433 1.62 2.86 13.55
N GLY A 434 0.77 2.27 12.71
CA GLY A 434 0.11 1.03 13.02
C GLY A 434 1.04 -0.15 13.23
N PRO A 435 1.72 -0.58 12.17
CA PRO A 435 2.58 -1.78 12.26
C PRO A 435 3.69 -1.68 13.30
N PRO A 436 4.32 -0.52 13.54
CA PRO A 436 5.25 -0.48 14.68
C PRO A 436 4.59 -0.76 16.02
N ILE A 437 3.34 -0.34 16.21
CA ILE A 437 2.61 -0.69 17.43
C ILE A 437 2.39 -2.19 17.50
N ALA A 438 2.09 -2.82 16.35
CA ALA A 438 1.94 -4.27 16.32
C ALA A 438 3.24 -4.97 16.67
N GLY A 439 4.36 -4.45 16.18
CA GLY A 439 5.65 -5.02 16.55
C GLY A 439 5.95 -4.88 18.02
N LEU A 440 5.63 -3.72 18.60
CA LEU A 440 5.80 -3.53 20.04
C LEU A 440 4.94 -4.51 20.82
N LEU A 441 3.70 -4.72 20.38
CA LEU A 441 2.81 -5.66 21.06
C LEU A 441 3.33 -7.08 20.97
N ARG A 442 3.85 -7.46 19.79
CA ARG A 442 4.43 -8.79 19.63
C ARG A 442 5.66 -8.96 20.51
N ASP A 443 6.50 -7.93 20.61
CA ASP A 443 7.68 -8.01 21.45
C ASP A 443 7.31 -8.14 22.93
N LYS A 444 6.28 -7.41 23.36
CA LYS A 444 5.84 -7.51 24.75
C LYS A 444 5.18 -8.84 25.03
N LEU A 445 4.45 -9.40 24.07
CA LEU A 445 3.69 -10.63 24.26
C LEU A 445 4.45 -11.88 23.85
N GLY A 446 5.11 -11.87 22.68
CA GLY A 446 5.78 -13.04 22.17
C GLY A 446 5.11 -13.69 20.99
N SER A 447 4.00 -13.15 20.51
CA SER A 447 3.29 -13.70 19.36
C SER A 447 2.46 -12.61 18.72
N TYR A 448 2.00 -12.88 17.50
CA TYR A 448 1.24 -11.91 16.72
C TYR A 448 -0.26 -12.03 16.91
N ASP A 449 -0.73 -12.97 17.74
CA ASP A 449 -2.17 -13.17 17.91
C ASP A 449 -2.81 -11.95 18.55
N VAL A 450 -2.25 -11.45 19.66
CA VAL A 450 -2.77 -10.24 20.28
C VAL A 450 -2.54 -9.03 19.38
N ALA A 451 -1.41 -9.03 18.66
CA ALA A 451 -1.12 -7.93 17.74
C ALA A 451 -2.18 -7.82 16.65
N PHE A 452 -2.52 -8.94 16.02
CA PHE A 452 -3.56 -8.93 15.00
C PHE A 452 -4.94 -8.67 15.62
N TYR A 453 -5.17 -9.18 16.83
CA TYR A 453 -6.41 -8.88 17.54
C TYR A 453 -6.62 -7.38 17.67
N LEU A 454 -5.59 -6.67 18.16
CA LEU A 454 -5.71 -5.23 18.34
C LEU A 454 -5.64 -4.47 17.02
N ALA A 455 -4.98 -5.03 16.00
CA ALA A 455 -4.94 -4.37 14.70
C ALA A 455 -6.28 -4.45 13.99
N GLY A 456 -7.07 -5.49 14.27
CA GLY A 456 -8.39 -5.59 13.68
C GLY A 456 -9.43 -4.66 14.27
N VAL A 457 -9.10 -3.97 15.37
CA VAL A 457 -10.05 -3.11 16.06
C VAL A 457 -10.29 -1.79 15.33
N PRO A 458 -9.26 -0.99 14.96
CA PRO A 458 -9.53 0.33 14.38
C PRO A 458 -10.28 0.29 13.04
N PRO A 459 -10.28 -0.80 12.27
CA PRO A 459 -11.30 -0.89 11.21
C PRO A 459 -12.72 -0.83 11.74
N LEU A 460 -13.00 -1.37 12.92
CA LEU A 460 -14.35 -1.28 13.46
C LEU A 460 -14.70 0.14 13.87
N ILE A 461 -13.75 0.88 14.44
CA ILE A 461 -13.99 2.29 14.74
C ILE A 461 -14.21 3.08 13.46
N GLY A 462 -13.41 2.80 12.43
CA GLY A 462 -13.63 3.44 11.14
C GLY A 462 -15.00 3.12 10.58
N GLY A 463 -15.43 1.87 10.71
CA GLY A 463 -16.77 1.50 10.27
C GLY A 463 -17.84 2.22 11.06
N ALA A 464 -17.62 2.41 12.35
CA ALA A 464 -18.59 3.13 13.17
C ALA A 464 -18.64 4.61 12.82
N VAL A 465 -17.53 5.19 12.35
CA VAL A 465 -17.50 6.64 12.14
C VAL A 465 -17.87 7.04 10.70
N LEU A 466 -17.61 6.20 9.71
CA LEU A 466 -18.05 6.53 8.35
C LEU A 466 -19.54 6.29 8.13
N CYS A 467 -20.25 5.68 9.07
CA CYS A 467 -21.69 5.49 8.89
C CYS A 467 -22.47 6.80 8.94
N PHE A 468 -21.90 7.87 9.49
CA PHE A 468 -22.57 9.16 9.53
C PHE A 468 -22.34 10.00 8.29
N ILE A 469 -21.54 9.51 7.33
CA ILE A 469 -21.34 10.26 6.09
C ILE A 469 -22.64 10.44 5.30
N PRO A 470 -23.48 9.42 5.10
CA PRO A 470 -24.72 9.64 4.33
C PRO A 470 -25.72 10.56 5.01
N TRP A 471 -25.45 11.01 6.24
CA TRP A 471 -26.37 11.94 6.89
C TRP A 471 -26.49 13.25 6.13
N ILE A 472 -25.38 13.76 5.62
CA ILE A 472 -25.39 14.98 4.81
C ILE A 472 -24.21 14.99 3.85
#